data_5I4D
#
_entry.id   5I4D
#
_cell.length_a   85.975
_cell.length_b   166.881
_cell.length_c   34.144
_cell.angle_alpha   90.00
_cell.angle_beta   90.00
_cell.angle_gamma   90.00
#
_symmetry.space_group_name_H-M   'P 21 21 2'
#
loop_
_entity.id
_entity.type
_entity.pdbx_description
1 polymer 'Superantigen-like protein'
2 branched 'N-acetyl-alpha-neuraminic acid-(2-3)-beta-D-galactopyranose-(1-4)-[alpha-L-fucopyranose-(1-3)]2-acetamido-2-deoxy-alpha-D-glucopyranose'
3 non-polymer 'TRIETHYLENE GLYCOL'
4 non-polymer 'TETRAETHYLENE GLYCOL'
5 non-polymer 2-acetamido-2-deoxy-beta-D-glucopyranose
6 water water
#
_entity_poly.entity_id   1
_entity_poly.type   'polypeptide(L)'
_entity_poly.pdbx_seq_one_letter_code
;MGSSHHHHHHENLYFQGEKIQSTKVDKVPTLKAERLAMINITAGANSATTQAANTRQERTPKLEKAPNTNEEKTSASKIE
KISQPKQEEQKTLNISATPAPKQEQSQTTTESTTPKTKVTTPPSTNTPQPMQSTKSDTPQSPTIKQAQTDMTPKYEDLRA
YYTKPSFEFEKQFGFMLKPWTTVRFMNVIPNRFIYKIALVGKDEKKYKDGPYDNIDVFIVLEDNKYQLKKYSVGGITKTN
SKKVNHKVELSITKKDNQGMISRDVSEYMITKEEISLKELDFKLRKQLIEKHNLYGNMGSGTIVIKMKNGGKYTFELHKK
LQEHRMADVIDGTNIDNIEVNIK
;
_entity_poly.pdbx_strand_id   A,B
#
loop_
_chem_comp.id
_chem_comp.type
_chem_comp.name
_chem_comp.formula
FUC L-saccharide, alpha linking alpha-L-fucopyranose 'C6 H12 O5'
GAL D-saccharide, beta linking beta-D-galactopyranose 'C6 H12 O6'
NAG D-saccharide, beta linking 2-acetamido-2-deoxy-beta-D-glucopyranose 'C8 H15 N O6'
NDG D-saccharide, alpha linking 2-acetamido-2-deoxy-alpha-D-glucopyranose 'C8 H15 N O6'
PG4 non-polymer 'TETRAETHYLENE GLYCOL' 'C8 H18 O5'
PGE non-polymer 'TRIETHYLENE GLYCOL' 'C6 H14 O4'
SIA D-saccharide, alpha linking 'N-acetyl-alpha-neuraminic acid' 'C11 H19 N O9'
#
# COMPACT_ATOMS: atom_id res chain seq x y z
N THR A 152 -15.20 -12.84 -13.88
CA THR A 152 -14.67 -11.64 -13.15
C THR A 152 -15.31 -11.48 -11.75
N PRO A 153 -14.68 -10.65 -10.87
CA PRO A 153 -15.19 -10.52 -9.51
C PRO A 153 -16.44 -9.67 -9.39
N LYS A 154 -17.17 -9.91 -8.29
CA LYS A 154 -18.36 -9.13 -7.94
C LYS A 154 -17.96 -8.20 -6.82
N TYR A 155 -18.83 -7.21 -6.57
CA TYR A 155 -18.57 -6.19 -5.56
C TYR A 155 -19.82 -5.88 -4.72
N GLU A 156 -20.59 -6.92 -4.42
CA GLU A 156 -21.83 -6.74 -3.66
C GLU A 156 -21.67 -6.06 -2.31
N ASP A 157 -20.67 -6.47 -1.52
CA ASP A 157 -20.46 -5.90 -0.19
C ASP A 157 -20.12 -4.39 -0.23
N LEU A 158 -19.31 -3.99 -1.19
CA LEU A 158 -18.94 -2.57 -1.32
C LEU A 158 -20.13 -1.75 -1.80
N ARG A 159 -20.89 -2.28 -2.75
CA ARG A 159 -22.08 -1.55 -3.25
C ARG A 159 -23.10 -1.39 -2.13
N ALA A 160 -23.23 -2.43 -1.30
CA ALA A 160 -24.20 -2.35 -0.19
C ALA A 160 -23.78 -1.31 0.83
N TYR A 161 -22.51 -1.31 1.20
CA TYR A 161 -22.02 -0.37 2.20
C TYR A 161 -22.18 1.07 1.74
N TYR A 162 -21.74 1.33 0.52
CA TYR A 162 -21.72 2.69 0.01
C TYR A 162 -23.06 3.23 -0.53
N THR A 163 -24.13 2.42 -0.42
CA THR A 163 -25.47 2.86 -0.70
C THR A 163 -26.30 2.94 0.59
N LYS A 164 -25.66 2.67 1.74
CA LYS A 164 -26.35 2.86 3.03
C LYS A 164 -26.72 4.33 3.17
N PRO A 165 -27.80 4.63 3.91
CA PRO A 165 -28.08 6.05 4.17
C PRO A 165 -27.01 6.60 5.09
N SER A 166 -26.80 7.91 5.05
CA SER A 166 -25.90 8.57 5.96
C SER A 166 -26.70 9.60 6.70
N PHE A 167 -26.16 10.04 7.83
N PHE A 167 -26.22 10.02 7.87
CA PHE A 167 -26.75 11.07 8.67
CA PHE A 167 -26.89 11.05 8.70
C PHE A 167 -25.68 12.11 8.94
C PHE A 167 -25.89 12.06 9.21
N GLU A 168 -26.13 13.34 9.03
N GLU A 168 -26.15 13.32 8.96
CA GLU A 168 -25.28 14.48 9.28
CA GLU A 168 -25.20 14.30 9.41
C GLU A 168 -25.94 15.28 10.39
C GLU A 168 -25.85 15.34 10.28
N PHE A 169 -25.18 15.64 11.39
N PHE A 169 -25.28 15.51 11.44
CA PHE A 169 -25.71 16.43 12.48
CA PHE A 169 -25.79 16.49 12.36
C PHE A 169 -24.72 17.53 12.77
C PHE A 169 -24.73 17.56 12.54
N GLU A 170 -25.20 18.78 12.77
CA GLU A 170 -24.33 19.93 12.92
C GLU A 170 -24.53 20.62 14.23
N LYS A 171 -23.47 21.30 14.67
CA LYS A 171 -23.52 22.13 15.89
C LYS A 171 -24.00 21.29 17.08
N GLN A 172 -23.40 20.12 17.22
CA GLN A 172 -23.79 19.18 18.27
C GLN A 172 -22.90 19.24 19.51
N PHE A 173 -23.40 18.63 20.58
CA PHE A 173 -22.70 18.55 21.87
C PHE A 173 -22.24 17.12 22.05
N GLY A 174 -20.94 16.88 21.99
CA GLY A 174 -20.44 15.53 22.14
C GLY A 174 -20.01 15.29 23.56
N PHE A 175 -20.38 14.14 24.14
CA PHE A 175 -19.98 13.81 25.51
C PHE A 175 -19.47 12.37 25.64
N MET A 176 -18.57 12.17 26.59
CA MET A 176 -17.98 10.88 26.86
C MET A 176 -18.56 10.36 28.16
N LEU A 177 -18.80 9.06 28.23
CA LEU A 177 -19.23 8.43 29.45
C LEU A 177 -18.06 7.56 29.91
N LYS A 178 -18.14 7.03 31.13
CA LYS A 178 -17.03 6.24 31.65
C LYS A 178 -16.70 5.07 30.68
N PRO A 179 -15.41 4.88 30.36
CA PRO A 179 -15.07 3.80 29.43
C PRO A 179 -15.52 2.41 29.92
N TRP A 180 -15.99 1.60 28.97
CA TRP A 180 -16.44 0.24 29.23
C TRP A 180 -15.70 -0.78 28.39
N THR A 181 -14.78 -0.30 27.56
CA THR A 181 -13.94 -1.11 26.75
C THR A 181 -12.73 -0.25 26.34
N THR A 182 -11.75 -0.85 25.65
CA THR A 182 -10.55 -0.14 25.30
C THR A 182 -10.82 1.02 24.36
N VAL A 183 -11.68 0.80 23.38
CA VAL A 183 -12.07 1.86 22.46
C VAL A 183 -13.08 2.74 23.17
N ARG A 184 -12.90 4.05 23.07
CA ARG A 184 -13.81 4.99 23.67
C ARG A 184 -14.79 5.50 22.61
N PHE A 185 -15.93 5.96 23.09
N PHE A 185 -15.91 6.03 23.10
CA PHE A 185 -17.00 6.41 22.22
CA PHE A 185 -16.97 6.51 22.26
C PHE A 185 -17.58 7.75 22.61
C PHE A 185 -17.38 7.96 22.55
N MET A 186 -17.60 8.69 21.66
N MET A 186 -17.69 8.68 21.47
CA MET A 186 -18.26 9.96 21.92
CA MET A 186 -18.23 10.03 21.57
C MET A 186 -19.75 9.73 21.67
C MET A 186 -19.72 9.89 21.35
N ASN A 187 -20.57 10.27 22.56
N ASN A 187 -20.52 10.41 22.28
CA ASN A 187 -22.02 10.19 22.45
CA ASN A 187 -21.96 10.32 22.15
C ASN A 187 -22.56 11.48 21.90
C ASN A 187 -22.59 11.64 21.80
N VAL A 188 -23.63 11.39 21.11
N VAL A 188 -23.52 11.62 20.86
CA VAL A 188 -24.28 12.57 20.58
CA VAL A 188 -24.31 12.80 20.53
C VAL A 188 -25.79 12.29 20.61
C VAL A 188 -25.77 12.39 20.50
N ILE A 189 -26.61 13.25 21.04
CA ILE A 189 -28.07 13.05 21.07
C ILE A 189 -28.70 14.24 20.33
N PRO A 190 -28.92 14.11 19.03
CA PRO A 190 -29.48 15.18 18.20
C PRO A 190 -30.99 15.07 17.98
N ASN A 191 -31.57 13.95 18.39
CA ASN A 191 -32.96 13.62 18.15
C ASN A 191 -33.38 12.55 19.21
N ARG A 192 -34.28 11.63 18.87
N ARG A 192 -34.29 11.63 18.88
CA ARG A 192 -34.73 10.63 19.83
CA ARG A 192 -34.72 10.64 19.86
C ARG A 192 -33.74 9.49 20.08
C ARG A 192 -33.69 9.56 20.17
N PHE A 193 -32.60 9.52 19.39
CA PHE A 193 -31.57 8.50 19.56
C PHE A 193 -30.25 9.00 20.11
N ILE A 194 -29.55 8.13 20.83
N ILE A 194 -29.53 8.07 20.74
CA ILE A 194 -28.18 8.42 21.25
CA ILE A 194 -28.18 8.29 21.27
C ILE A 194 -27.26 7.66 20.27
C ILE A 194 -27.19 7.61 20.30
N TYR A 195 -26.36 8.39 19.59
CA TYR A 195 -25.40 7.83 18.65
C TYR A 195 -24.08 7.67 19.34
N LYS A 196 -23.44 6.52 19.13
CA LYS A 196 -22.13 6.23 19.72
C LYS A 196 -21.12 6.18 18.60
N ILE A 197 -20.10 7.06 18.68
CA ILE A 197 -19.09 7.19 17.63
C ILE A 197 -17.75 6.74 18.17
N ALA A 198 -17.24 5.66 17.61
CA ALA A 198 -15.95 5.12 18.02
C ALA A 198 -14.82 6.11 17.73
N LEU A 199 -13.93 6.30 18.70
CA LEU A 199 -12.77 7.17 18.57
C LEU A 199 -11.62 6.31 18.12
N VAL A 200 -11.37 6.36 16.81
CA VAL A 200 -10.33 5.55 16.20
C VAL A 200 -9.24 6.45 15.65
N GLY A 201 -8.12 5.83 15.29
CA GLY A 201 -6.98 6.56 14.74
C GLY A 201 -6.61 7.76 15.61
N LYS A 202 -6.46 8.94 14.98
CA LYS A 202 -6.07 10.19 15.69
C LYS A 202 -7.08 10.66 16.72
N ASP A 203 -8.33 10.24 16.60
CA ASP A 203 -9.34 10.71 17.55
C ASP A 203 -9.13 10.22 18.99
N GLU A 204 -8.47 9.08 19.20
CA GLU A 204 -8.29 8.59 20.59
C GLU A 204 -7.46 9.58 21.42
N LYS A 205 -6.42 10.14 20.82
CA LYS A 205 -5.59 11.12 21.53
C LYS A 205 -6.17 12.52 21.44
N LYS A 206 -6.93 12.79 20.40
CA LYS A 206 -7.49 14.12 20.19
C LYS A 206 -8.47 14.55 21.24
N TYR A 207 -9.38 13.65 21.62
CA TYR A 207 -10.42 13.96 22.57
C TYR A 207 -10.01 13.44 23.95
N LYS A 208 -10.19 14.29 24.94
CA LYS A 208 -9.87 13.95 26.33
C LYS A 208 -11.20 13.61 27.02
N ASP A 209 -11.50 14.24 28.16
CA ASP A 209 -12.74 13.93 28.90
C ASP A 209 -14.00 14.62 28.39
N GLY A 210 -13.85 15.77 27.74
CA GLY A 210 -14.98 16.52 27.22
C GLY A 210 -15.78 17.31 28.27
N PRO A 211 -16.97 17.78 27.93
CA PRO A 211 -17.62 17.60 26.64
C PRO A 211 -17.03 18.45 25.53
N TYR A 212 -17.44 18.15 24.31
CA TYR A 212 -17.02 18.87 23.10
C TYR A 212 -18.21 19.44 22.39
N ASP A 213 -18.46 20.73 22.57
CA ASP A 213 -19.60 21.35 21.90
C ASP A 213 -19.15 21.92 20.54
N ASN A 214 -20.12 22.33 19.72
CA ASN A 214 -19.84 22.92 18.39
C ASN A 214 -19.13 21.93 17.45
N ILE A 215 -19.52 20.65 17.53
CA ILE A 215 -19.00 19.66 16.60
C ILE A 215 -20.05 19.23 15.60
N ASP A 216 -19.54 18.74 14.46
CA ASP A 216 -20.38 18.18 13.43
C ASP A 216 -20.00 16.70 13.37
N VAL A 217 -20.97 15.84 13.07
CA VAL A 217 -20.72 14.41 12.94
CA VAL A 217 -20.70 14.43 12.92
C VAL A 217 -21.33 13.88 11.63
N PHE A 218 -20.57 13.05 10.92
CA PHE A 218 -21.02 12.36 9.72
C PHE A 218 -21.14 10.89 10.15
N ILE A 219 -22.37 10.39 10.14
N ILE A 219 -22.39 10.43 10.19
CA ILE A 219 -22.66 9.06 10.64
CA ILE A 219 -22.78 9.09 10.67
C ILE A 219 -23.12 8.09 9.59
C ILE A 219 -23.14 8.08 9.59
N VAL A 220 -22.54 6.87 9.68
CA VAL A 220 -22.91 5.74 8.84
C VAL A 220 -23.09 4.61 9.85
N LEU A 221 -24.29 4.04 9.93
CA LEU A 221 -24.56 3.03 10.96
C LEU A 221 -23.95 1.69 10.60
N GLU A 222 -23.07 1.19 11.43
CA GLU A 222 -22.33 -0.06 11.19
C GLU A 222 -22.77 -1.22 12.02
N ASP A 223 -22.51 -2.40 11.47
CA ASP A 223 -22.70 -3.67 12.14
CA ASP A 223 -22.76 -3.62 12.21
C ASP A 223 -21.57 -3.70 13.15
N ASN A 224 -21.79 -4.24 14.33
CA ASN A 224 -20.73 -4.31 15.33
C ASN A 224 -20.95 -5.46 16.28
N LYS A 225 -19.90 -5.83 17.01
CA LYS A 225 -19.98 -6.97 17.92
C LYS A 225 -20.84 -6.79 19.18
N TYR A 226 -21.20 -5.55 19.48
CA TYR A 226 -22.05 -5.28 20.63
C TYR A 226 -23.53 -5.22 20.25
N GLN A 227 -23.83 -5.36 18.97
CA GLN A 227 -25.21 -5.23 18.47
CA GLN A 227 -25.21 -5.23 18.47
C GLN A 227 -25.81 -3.86 18.88
N LEU A 228 -24.97 -2.83 18.93
CA LEU A 228 -25.45 -1.48 19.22
C LEU A 228 -26.14 -1.02 17.95
N LYS A 229 -27.33 -0.49 18.12
CA LYS A 229 -28.14 -0.06 16.99
C LYS A 229 -27.70 1.25 16.36
N LYS A 230 -27.09 2.14 17.15
CA LYS A 230 -26.64 3.44 16.61
C LYS A 230 -25.16 3.61 16.91
N TYR A 231 -24.36 2.97 16.07
CA TYR A 231 -22.93 2.91 16.20
C TYR A 231 -22.32 3.37 14.88
N SER A 232 -21.33 4.25 14.97
CA SER A 232 -20.61 4.74 13.79
C SER A 232 -19.13 4.94 14.14
N VAL A 233 -18.29 5.11 13.12
CA VAL A 233 -16.82 5.21 13.31
C VAL A 233 -16.30 6.47 12.66
N GLY A 234 -15.57 7.28 13.43
CA GLY A 234 -14.95 8.47 12.89
C GLY A 234 -15.90 9.57 12.46
N GLY A 235 -15.46 10.42 11.54
CA GLY A 235 -16.35 11.47 11.03
C GLY A 235 -16.73 12.63 11.92
N ILE A 236 -15.88 12.94 12.91
CA ILE A 236 -16.12 14.06 13.82
C ILE A 236 -15.27 15.27 13.40
N THR A 237 -15.90 16.44 13.24
CA THR A 237 -15.20 17.64 12.84
C THR A 237 -15.66 18.89 13.61
N LYS A 238 -14.90 19.98 13.45
N LYS A 238 -14.90 19.98 13.47
CA LYS A 238 -15.28 21.27 14.01
CA LYS A 238 -15.30 21.27 14.05
C LYS A 238 -16.38 21.86 13.14
C LYS A 238 -16.38 21.85 13.16
N THR A 239 -17.42 22.44 13.76
CA THR A 239 -18.52 23.02 12.99
C THR A 239 -18.06 24.26 12.25
N ASN A 240 -18.74 24.61 11.17
CA ASN A 240 -18.40 25.79 10.39
C ASN A 240 -18.52 27.10 11.21
N SER A 241 -17.57 28.02 11.02
CA SER A 241 -17.64 29.35 11.64
C SER A 241 -18.57 30.24 10.79
N LYS A 242 -18.74 29.85 9.53
CA LYS A 242 -19.61 30.57 8.59
C LYS A 242 -19.99 29.66 7.43
N LYS A 243 -20.90 30.12 6.59
CA LYS A 243 -21.32 29.32 5.43
C LYS A 243 -20.17 29.16 4.43
N VAL A 244 -20.05 27.95 3.86
CA VAL A 244 -19.02 27.64 2.85
C VAL A 244 -19.70 27.00 1.64
N ASN A 245 -19.38 27.51 0.46
CA ASN A 245 -19.86 26.96 -0.81
C ASN A 245 -18.68 27.01 -1.74
N HIS A 246 -17.80 26.04 -1.58
CA HIS A 246 -16.56 25.98 -2.27
C HIS A 246 -16.59 24.96 -3.42
N LYS A 247 -16.53 25.46 -4.65
CA LYS A 247 -16.58 24.63 -5.85
CA LYS A 247 -16.59 24.61 -5.83
C LYS A 247 -15.24 23.98 -6.15
N VAL A 248 -15.24 22.69 -6.49
CA VAL A 248 -14.01 22.00 -6.88
C VAL A 248 -14.29 21.14 -8.13
N GLU A 249 -13.36 21.13 -9.07
CA GLU A 249 -13.52 20.33 -10.28
C GLU A 249 -13.45 18.85 -9.94
N LEU A 250 -14.40 18.07 -10.44
CA LEU A 250 -14.46 16.64 -10.28
C LEU A 250 -14.30 16.00 -11.67
N SER A 251 -13.20 15.29 -11.91
CA SER A 251 -12.96 14.66 -13.22
C SER A 251 -12.94 13.18 -13.03
N ILE A 252 -13.71 12.48 -13.86
CA ILE A 252 -13.87 11.06 -13.75
C ILE A 252 -13.46 10.39 -15.04
N THR A 253 -12.59 9.39 -14.95
CA THR A 253 -12.22 8.57 -16.10
C THR A 253 -12.65 7.18 -15.75
N LYS A 254 -13.38 6.53 -16.65
CA LYS A 254 -13.78 5.15 -16.39
C LYS A 254 -13.46 4.29 -17.59
N LYS A 255 -12.95 3.09 -17.30
CA LYS A 255 -12.57 2.11 -18.31
C LYS A 255 -13.41 0.89 -18.10
N ASP A 256 -14.25 0.55 -19.08
CA ASP A 256 -15.12 -0.60 -18.93
C ASP A 256 -14.40 -1.92 -19.25
N ASN A 257 -15.14 -3.02 -19.14
CA ASN A 257 -14.54 -4.35 -19.36
C ASN A 257 -14.12 -4.66 -20.80
N GLN A 258 -14.57 -3.85 -21.75
CA GLN A 258 -14.21 -3.99 -23.16
C GLN A 258 -13.07 -3.03 -23.51
N GLY A 259 -12.56 -2.32 -22.48
CA GLY A 259 -11.46 -1.38 -22.64
C GLY A 259 -11.87 -0.02 -23.16
N MET A 260 -13.16 0.27 -23.16
CA MET A 260 -13.66 1.55 -23.65
C MET A 260 -13.60 2.58 -22.54
N ILE A 261 -13.08 3.75 -22.90
CA ILE A 261 -12.84 4.83 -21.96
C ILE A 261 -13.85 5.96 -22.06
N SER A 262 -14.26 6.48 -20.92
CA SER A 262 -15.12 7.65 -20.90
C SER A 262 -14.58 8.61 -19.86
N ARG A 263 -15.02 9.84 -20.03
N ARG A 263 -14.52 9.90 -20.19
CA ARG A 263 -14.63 10.97 -19.24
CA ARG A 263 -13.95 10.88 -19.25
C ARG A 263 -15.77 11.94 -19.01
C ARG A 263 -14.87 12.07 -19.12
N ASP A 264 -15.78 12.57 -17.85
N ASP A 264 -15.32 12.29 -17.88
CA ASP A 264 -16.73 13.64 -17.65
CA ASP A 264 -16.35 13.27 -17.53
C ASP A 264 -16.21 14.54 -16.56
C ASP A 264 -15.98 14.27 -16.45
N VAL A 265 -16.45 15.83 -16.74
N VAL A 265 -16.41 15.50 -16.63
CA VAL A 265 -15.99 16.79 -15.79
CA VAL A 265 -16.08 16.52 -15.67
C VAL A 265 -17.21 17.49 -15.27
C VAL A 265 -17.29 17.28 -15.20
N SER A 266 -17.24 17.72 -13.95
CA SER A 266 -18.35 18.40 -13.28
C SER A 266 -17.78 19.16 -12.07
N GLU A 267 -18.67 19.80 -11.31
CA GLU A 267 -18.28 20.52 -10.11
C GLU A 267 -18.86 19.82 -8.90
N TYR A 268 -18.04 19.68 -7.87
CA TYR A 268 -18.46 19.09 -6.61
C TYR A 268 -18.42 20.19 -5.57
N MET A 269 -19.47 20.33 -4.80
CA MET A 269 -19.55 21.39 -3.81
CA MET A 269 -19.56 21.40 -3.80
C MET A 269 -19.08 20.95 -2.42
N ILE A 270 -18.14 21.70 -1.86
CA ILE A 270 -17.62 21.46 -0.50
C ILE A 270 -18.33 22.51 0.35
N THR A 271 -19.05 22.06 1.38
CA THR A 271 -19.80 22.99 2.21
C THR A 271 -19.31 23.05 3.67
N LYS A 272 -18.20 22.36 3.96
CA LYS A 272 -17.63 22.36 5.30
C LYS A 272 -16.21 22.89 5.35
N GLU A 273 -15.93 23.70 6.37
N GLU A 273 -15.90 23.69 6.37
CA GLU A 273 -14.59 24.22 6.57
CA GLU A 273 -14.54 24.23 6.54
C GLU A 273 -13.64 23.08 6.90
C GLU A 273 -13.57 23.14 7.01
N GLU A 274 -14.07 22.20 7.81
CA GLU A 274 -13.27 21.04 8.22
C GLU A 274 -14.10 19.82 7.83
N ILE A 275 -13.53 18.90 7.07
CA ILE A 275 -14.29 17.74 6.58
C ILE A 275 -13.51 16.47 6.75
N SER A 276 -14.19 15.43 7.22
CA SER A 276 -13.54 14.13 7.42
C SER A 276 -13.32 13.39 6.12
N LEU A 277 -12.27 12.57 6.07
CA LEU A 277 -12.07 11.69 4.93
C LEU A 277 -13.25 10.73 4.85
N LYS A 278 -13.86 10.41 5.98
CA LYS A 278 -15.05 9.54 5.99
C LYS A 278 -16.17 10.08 5.08
N GLU A 279 -16.48 11.35 5.25
CA GLU A 279 -17.55 12.01 4.52
C GLU A 279 -17.23 12.15 3.04
N LEU A 280 -16.00 12.48 2.71
CA LEU A 280 -15.57 12.60 1.30
C LEU A 280 -15.64 11.25 0.63
N ASP A 281 -15.04 10.25 1.25
CA ASP A 281 -15.04 8.89 0.71
C ASP A 281 -16.45 8.36 0.53
N PHE A 282 -17.29 8.55 1.54
CA PHE A 282 -18.61 7.93 1.48
C PHE A 282 -19.51 8.61 0.42
N LYS A 283 -19.59 9.92 0.47
CA LYS A 283 -20.48 10.63 -0.45
C LYS A 283 -19.99 10.53 -1.91
N LEU A 284 -18.67 10.56 -2.12
CA LEU A 284 -18.14 10.46 -3.49
C LEU A 284 -18.41 9.04 -4.05
N ARG A 285 -18.22 8.01 -3.26
CA ARG A 285 -18.47 6.68 -3.77
C ARG A 285 -19.97 6.49 -4.05
N LYS A 286 -20.83 7.02 -3.20
CA LYS A 286 -22.26 6.90 -3.44
C LYS A 286 -22.61 7.60 -4.76
N GLN A 287 -22.01 8.76 -4.99
CA GLN A 287 -22.26 9.47 -6.24
C GLN A 287 -21.75 8.67 -7.45
N LEU A 288 -20.60 8.00 -7.29
CA LEU A 288 -20.05 7.17 -8.38
C LEU A 288 -20.96 5.98 -8.68
N ILE A 289 -21.54 5.40 -7.63
CA ILE A 289 -22.50 4.32 -7.81
C ILE A 289 -23.74 4.87 -8.55
N GLU A 290 -24.32 5.94 -8.02
CA GLU A 290 -25.56 6.46 -8.59
C GLU A 290 -25.45 6.99 -10.01
N LYS A 291 -24.38 7.70 -10.30
CA LYS A 291 -24.22 8.36 -11.59
CA LYS A 291 -24.22 8.35 -11.60
C LYS A 291 -23.36 7.58 -12.56
N HIS A 292 -22.50 6.69 -12.06
CA HIS A 292 -21.56 5.99 -12.95
C HIS A 292 -21.51 4.49 -12.83
N ASN A 293 -22.43 3.91 -12.09
CA ASN A 293 -22.53 2.46 -11.93
C ASN A 293 -21.30 1.79 -11.29
N LEU A 294 -20.59 2.52 -10.45
CA LEU A 294 -19.47 1.93 -9.68
C LEU A 294 -20.01 0.71 -8.94
N TYR A 295 -19.25 -0.38 -9.00
CA TYR A 295 -19.59 -1.66 -8.36
C TYR A 295 -20.66 -2.46 -9.09
N GLY A 296 -21.01 -2.05 -10.30
CA GLY A 296 -21.88 -2.85 -11.18
C GLY A 296 -20.91 -3.80 -11.90
N ASN A 297 -20.23 -3.29 -12.93
CA ASN A 297 -19.24 -4.06 -13.72
C ASN A 297 -17.81 -3.86 -13.27
N MET A 298 -17.48 -2.63 -12.85
CA MET A 298 -16.12 -2.27 -12.42
C MET A 298 -16.11 -1.86 -10.96
N GLY A 299 -15.03 -2.18 -10.28
CA GLY A 299 -14.94 -1.87 -8.85
C GLY A 299 -13.57 -1.57 -8.33
N SER A 300 -12.64 -1.21 -9.21
N SER A 300 -12.66 -1.17 -9.21
CA SER A 300 -11.29 -0.88 -8.79
CA SER A 300 -11.32 -0.82 -8.79
C SER A 300 -10.91 0.50 -9.32
C SER A 300 -11.00 0.61 -9.17
N GLY A 301 -9.80 1.02 -8.80
CA GLY A 301 -9.32 2.36 -9.14
C GLY A 301 -9.18 3.20 -7.89
N THR A 302 -9.18 4.52 -8.09
CA THR A 302 -9.02 5.46 -6.98
C THR A 302 -9.84 6.76 -7.11
N ILE A 303 -10.06 7.38 -5.96
CA ILE A 303 -10.48 8.74 -5.82
C ILE A 303 -9.27 9.45 -5.20
N VAL A 304 -8.83 10.54 -5.82
CA VAL A 304 -7.74 11.32 -5.24
C VAL A 304 -8.22 12.74 -4.96
N ILE A 305 -8.13 13.16 -3.71
CA ILE A 305 -8.46 14.54 -3.31
C ILE A 305 -7.15 15.33 -3.39
N LYS A 306 -7.08 16.31 -4.29
CA LYS A 306 -5.87 17.10 -4.49
C LYS A 306 -6.03 18.48 -3.83
N MET A 307 -5.05 18.83 -3.01
CA MET A 307 -5.09 20.06 -2.23
C MET A 307 -4.32 21.22 -2.84
N LYS A 308 -4.75 22.46 -2.51
CA LYS A 308 -4.07 23.67 -2.98
C LYS A 308 -2.62 23.75 -2.52
N ASN A 309 -2.27 23.11 -1.38
CA ASN A 309 -0.88 23.14 -0.89
C ASN A 309 0.00 22.02 -1.48
N GLY A 310 -0.56 21.21 -2.38
CA GLY A 310 0.18 20.10 -3.00
C GLY A 310 -0.08 18.75 -2.37
N GLY A 311 -0.74 18.75 -1.21
CA GLY A 311 -1.12 17.51 -0.56
C GLY A 311 -2.16 16.72 -1.35
N LYS A 312 -2.30 15.44 -1.01
N LYS A 312 -2.29 15.44 -1.00
CA LYS A 312 -3.33 14.61 -1.61
CA LYS A 312 -3.27 14.56 -1.63
C LYS A 312 -3.79 13.52 -0.64
C LYS A 312 -3.77 13.49 -0.66
N TYR A 313 -4.99 13.02 -0.89
CA TYR A 313 -5.62 11.96 -0.08
C TYR A 313 -6.24 10.97 -1.07
N THR A 314 -5.83 9.72 -0.96
CA THR A 314 -6.25 8.67 -1.90
C THR A 314 -7.16 7.63 -1.28
N PHE A 315 -8.31 7.36 -1.96
CA PHE A 315 -9.21 6.33 -1.54
C PHE A 315 -9.17 5.22 -2.60
N GLU A 316 -8.78 4.03 -2.19
CA GLU A 316 -8.71 2.87 -3.08
C GLU A 316 -10.12 2.25 -3.19
N LEU A 317 -10.65 2.15 -4.41
CA LEU A 317 -12.02 1.72 -4.61
C LEU A 317 -12.33 0.24 -4.42
N HIS A 318 -11.30 -0.61 -4.43
CA HIS A 318 -11.54 -2.05 -4.35
C HIS A 318 -11.78 -2.55 -2.91
N LYS A 319 -11.70 -1.65 -1.93
CA LYS A 319 -11.98 -2.01 -0.55
C LYS A 319 -12.51 -0.79 0.22
N LYS A 320 -13.12 -1.06 1.36
CA LYS A 320 -13.62 0.04 2.18
C LYS A 320 -12.45 0.91 2.63
N LEU A 321 -12.73 2.17 2.90
CA LEU A 321 -11.73 3.06 3.49
C LEU A 321 -11.29 2.44 4.83
N GLN A 322 -9.97 2.40 5.08
CA GLN A 322 -9.45 1.86 6.36
C GLN A 322 -10.14 2.60 7.53
N GLU A 323 -10.57 1.87 8.56
N GLU A 323 -10.54 1.86 8.57
CA GLU A 323 -11.30 2.51 9.66
CA GLU A 323 -11.29 2.46 9.70
C GLU A 323 -10.58 3.69 10.29
C GLU A 323 -10.61 3.63 10.38
N HIS A 324 -9.28 3.55 10.57
CA HIS A 324 -8.59 4.64 11.24
C HIS A 324 -8.60 5.95 10.46
N ARG A 325 -8.65 5.84 9.13
CA ARG A 325 -8.68 7.01 8.27
C ARG A 325 -10.01 7.72 8.28
N MET A 326 -11.06 7.04 8.77
CA MET A 326 -12.38 7.68 8.90
C MET A 326 -12.33 8.80 9.91
N ALA A 327 -11.35 8.78 10.82
CA ALA A 327 -11.18 9.86 11.79
C ALA A 327 -10.35 11.03 11.25
N ASP A 328 -9.63 10.84 10.15
CA ASP A 328 -8.79 11.92 9.63
C ASP A 328 -9.65 13.08 9.11
N VAL A 329 -9.22 14.31 9.40
CA VAL A 329 -9.94 15.50 8.92
C VAL A 329 -9.00 16.44 8.15
N ILE A 330 -9.57 17.16 7.20
CA ILE A 330 -8.79 18.03 6.35
C ILE A 330 -9.50 19.37 6.19
N ASP A 331 -8.74 20.33 5.69
CA ASP A 331 -9.28 21.67 5.43
C ASP A 331 -10.07 21.65 4.12
N GLY A 332 -11.39 21.66 4.24
CA GLY A 332 -12.25 21.60 3.05
C GLY A 332 -12.05 22.77 2.09
N THR A 333 -11.71 23.93 2.65
CA THR A 333 -11.51 25.14 1.84
C THR A 333 -10.21 25.05 1.02
N ASN A 334 -9.32 24.12 1.41
CA ASN A 334 -8.03 23.95 0.70
C ASN A 334 -8.10 22.87 -0.39
N ILE A 335 -9.23 22.20 -0.54
CA ILE A 335 -9.34 21.19 -1.61
C ILE A 335 -9.33 21.95 -2.95
N ASP A 336 -8.52 21.51 -3.88
CA ASP A 336 -8.48 22.15 -5.18
C ASP A 336 -9.35 21.42 -6.20
N ASN A 337 -9.14 20.11 -6.32
CA ASN A 337 -9.88 19.31 -7.32
C ASN A 337 -9.87 17.85 -6.92
N ILE A 338 -10.74 17.06 -7.56
CA ILE A 338 -10.88 15.64 -7.22
C ILE A 338 -10.76 14.84 -8.53
N GLU A 339 -9.83 13.89 -8.57
CA GLU A 339 -9.61 13.03 -9.75
C GLU A 339 -10.05 11.61 -9.44
N VAL A 340 -10.91 11.04 -10.28
CA VAL A 340 -11.39 9.70 -10.07
C VAL A 340 -11.03 8.87 -11.29
N ASN A 341 -10.59 7.65 -11.06
N ASN A 341 -10.55 7.67 -11.04
CA ASN A 341 -10.23 6.74 -12.11
CA ASN A 341 -10.21 6.72 -12.08
C ASN A 341 -10.79 5.36 -11.77
C ASN A 341 -10.89 5.40 -11.70
N ILE A 342 -11.76 4.90 -12.57
CA ILE A 342 -12.44 3.64 -12.35
C ILE A 342 -11.99 2.63 -13.41
N LYS A 343 -11.66 1.43 -12.96
CA LYS A 343 -11.20 0.42 -13.87
C LYS A 343 -11.51 -0.97 -13.34
N MET B 151 39.02 -15.08 15.61
CA MET B 151 37.53 -15.24 15.52
C MET B 151 36.90 -14.27 14.52
N THR B 152 36.43 -14.82 13.41
CA THR B 152 35.78 -14.04 12.35
C THR B 152 34.65 -13.18 12.94
N PRO B 153 34.69 -11.86 12.68
CA PRO B 153 33.63 -10.98 13.19
C PRO B 153 32.24 -11.49 12.86
N LYS B 154 31.29 -11.20 13.75
CA LYS B 154 29.92 -11.62 13.55
C LYS B 154 29.37 -11.05 12.24
N TYR B 155 28.63 -11.90 11.50
CA TYR B 155 27.90 -11.53 10.26
C TYR B 155 28.71 -11.02 9.10
N GLU B 156 30.02 -11.20 9.16
CA GLU B 156 30.90 -10.66 8.14
C GLU B 156 30.50 -11.03 6.71
N ASP B 157 30.25 -12.32 6.47
CA ASP B 157 29.95 -12.76 5.11
C ASP B 157 28.59 -12.22 4.61
N LEU B 158 27.58 -12.19 5.45
CA LEU B 158 26.28 -11.68 5.04
C LEU B 158 26.31 -10.20 4.78
N ARG B 159 26.97 -9.43 5.66
CA ARG B 159 27.02 -7.99 5.47
C ARG B 159 27.79 -7.65 4.19
N ALA B 160 28.84 -8.43 3.90
CA ALA B 160 29.62 -8.19 2.68
C ALA B 160 28.78 -8.44 1.43
N TYR B 161 28.08 -9.58 1.42
CA TYR B 161 27.26 -9.92 0.27
C TYR B 161 26.17 -8.90 0.01
N TYR B 162 25.44 -8.55 1.05
CA TYR B 162 24.30 -7.65 0.91
C TYR B 162 24.61 -6.14 0.84
N THR B 163 25.91 -5.79 0.82
CA THR B 163 26.33 -4.42 0.53
C THR B 163 27.03 -4.35 -0.82
N LYS B 164 27.06 -5.45 -1.56
CA LYS B 164 27.64 -5.40 -2.89
C LYS B 164 26.79 -4.47 -3.77
N PRO B 165 27.40 -3.86 -4.79
CA PRO B 165 26.57 -3.10 -5.72
C PRO B 165 25.69 -4.03 -6.57
N SER B 166 24.53 -3.55 -7.01
CA SER B 166 23.69 -4.34 -7.91
C SER B 166 23.58 -3.54 -9.20
N PHE B 167 23.18 -4.21 -10.26
CA PHE B 167 23.04 -3.61 -11.57
C PHE B 167 21.73 -4.07 -12.13
N GLU B 168 20.96 -3.14 -12.69
CA GLU B 168 19.69 -3.43 -13.31
C GLU B 168 19.71 -3.02 -14.77
N PHE B 169 19.40 -3.95 -15.66
CA PHE B 169 19.32 -3.63 -17.08
C PHE B 169 17.92 -4.02 -17.54
N GLU B 170 17.27 -3.13 -18.28
CA GLU B 170 15.92 -3.35 -18.74
C GLU B 170 15.80 -3.44 -20.25
N LYS B 171 14.77 -4.15 -20.72
N LYS B 171 14.76 -4.14 -20.71
CA LYS B 171 14.47 -4.25 -22.14
CA LYS B 171 14.45 -4.28 -22.14
C LYS B 171 15.65 -4.83 -22.88
C LYS B 171 15.65 -4.84 -22.88
N GLN B 172 16.22 -5.90 -22.33
CA GLN B 172 17.42 -6.55 -22.90
C GLN B 172 17.13 -7.73 -23.75
N PHE B 173 18.15 -8.12 -24.51
CA PHE B 173 18.13 -9.25 -25.42
C PHE B 173 18.99 -10.35 -24.82
N GLY B 174 18.36 -11.40 -24.34
CA GLY B 174 19.08 -12.51 -23.76
C GLY B 174 19.37 -13.57 -24.79
N PHE B 175 20.58 -14.10 -24.80
CA PHE B 175 20.90 -15.19 -25.75
C PHE B 175 21.72 -16.28 -25.10
N MET B 176 21.53 -17.50 -25.58
CA MET B 176 22.21 -18.70 -25.07
C MET B 176 23.27 -19.12 -26.08
N LEU B 177 24.42 -19.55 -25.60
CA LEU B 177 25.46 -20.07 -26.45
C LEU B 177 25.46 -21.59 -26.23
N LYS B 178 26.22 -22.31 -27.05
CA LYS B 178 26.28 -23.76 -26.93
C LYS B 178 26.67 -24.14 -25.49
N PRO B 179 25.95 -25.09 -24.86
CA PRO B 179 26.33 -25.43 -23.49
C PRO B 179 27.76 -25.99 -23.37
N TRP B 180 28.46 -25.52 -22.33
CA TRP B 180 29.85 -25.90 -22.03
C TRP B 180 29.96 -26.56 -20.64
N THR B 181 28.83 -26.60 -19.92
CA THR B 181 28.72 -27.30 -18.61
C THR B 181 27.25 -27.62 -18.35
N THR B 182 26.93 -28.34 -17.27
CA THR B 182 25.55 -28.76 -17.05
C THR B 182 24.62 -27.58 -16.84
N VAL B 183 25.09 -26.60 -16.08
CA VAL B 183 24.33 -25.36 -15.87
C VAL B 183 24.51 -24.47 -17.11
N ARG B 184 23.40 -23.98 -17.61
CA ARG B 184 23.39 -23.10 -18.77
C ARG B 184 23.33 -21.66 -18.31
N PHE B 185 23.78 -20.77 -19.19
CA PHE B 185 23.84 -19.36 -18.87
C PHE B 185 23.18 -18.50 -19.93
N MET B 186 22.37 -17.55 -19.48
N MET B 186 22.40 -17.54 -19.46
CA MET B 186 21.81 -16.59 -20.41
CA MET B 186 21.78 -16.54 -20.31
C MET B 186 22.73 -15.39 -20.41
C MET B 186 22.80 -15.43 -20.40
N ASN B 187 23.06 -14.93 -21.60
CA ASN B 187 23.99 -13.84 -21.79
C ASN B 187 23.26 -12.57 -22.17
N VAL B 188 23.74 -11.44 -21.67
N VAL B 188 23.68 -11.43 -21.64
CA VAL B 188 23.19 -10.15 -21.98
CA VAL B 188 23.16 -10.15 -22.09
C VAL B 188 24.34 -9.18 -22.18
C VAL B 188 24.34 -9.23 -22.24
N ILE B 189 24.27 -8.37 -23.25
CA ILE B 189 25.30 -7.37 -23.55
C ILE B 189 24.63 -5.99 -23.58
N PRO B 190 24.58 -5.31 -22.42
CA PRO B 190 23.92 -4.02 -22.33
C PRO B 190 24.84 -2.83 -22.50
N ASN B 191 26.16 -3.10 -22.51
CA ASN B 191 27.18 -2.09 -22.50
C ASN B 191 28.50 -2.74 -22.99
N ARG B 192 29.64 -2.33 -22.47
CA ARG B 192 30.92 -2.92 -22.94
C ARG B 192 31.17 -4.34 -22.43
N PHE B 193 30.33 -4.82 -21.52
CA PHE B 193 30.51 -6.15 -20.95
C PHE B 193 29.48 -7.19 -21.35
N ILE B 194 29.89 -8.45 -21.35
CA ILE B 194 28.96 -9.57 -21.52
C ILE B 194 28.70 -10.13 -20.11
N TYR B 195 27.43 -10.14 -19.67
CA TYR B 195 27.03 -10.71 -18.36
C TYR B 195 26.49 -12.11 -18.59
N LYS B 196 26.96 -13.08 -17.79
CA LYS B 196 26.51 -14.45 -17.85
C LYS B 196 25.68 -14.71 -16.61
N ILE B 197 24.42 -15.10 -16.84
CA ILE B 197 23.48 -15.33 -15.76
C ILE B 197 23.16 -16.81 -15.69
N ALA B 198 23.53 -17.44 -14.57
CA ALA B 198 23.27 -18.88 -14.37
C ALA B 198 21.77 -19.17 -14.35
N LEU B 199 21.33 -20.17 -15.10
CA LEU B 199 19.93 -20.61 -15.11
C LEU B 199 19.78 -21.70 -14.05
N VAL B 200 19.23 -21.31 -12.92
CA VAL B 200 19.06 -22.20 -11.77
C VAL B 200 17.58 -22.37 -11.42
N GLY B 201 17.27 -23.32 -10.52
CA GLY B 201 15.87 -23.53 -10.15
C GLY B 201 14.95 -23.68 -11.36
N LYS B 202 13.82 -22.97 -11.31
CA LYS B 202 12.82 -23.03 -12.37
C LYS B 202 13.34 -22.52 -13.73
N ASP B 203 14.39 -21.71 -13.73
CA ASP B 203 14.88 -21.16 -15.01
C ASP B 203 15.43 -22.21 -15.98
N GLU B 204 15.97 -23.31 -15.47
CA GLU B 204 16.54 -24.32 -16.38
C GLU B 204 15.50 -24.86 -17.36
N LYS B 205 14.30 -25.07 -16.88
CA LYS B 205 13.24 -25.59 -17.77
C LYS B 205 12.49 -24.48 -18.48
N LYS B 206 12.54 -23.28 -17.89
CA LYS B 206 11.78 -22.15 -18.42
C LYS B 206 12.27 -21.65 -19.77
N TYR B 207 13.59 -21.58 -19.92
CA TYR B 207 14.22 -21.07 -21.13
C TYR B 207 14.69 -22.26 -21.94
N LYS B 208 14.49 -22.19 -23.24
CA LYS B 208 14.90 -23.26 -24.16
C LYS B 208 16.09 -22.71 -24.96
N ASP B 209 16.03 -22.70 -26.28
CA ASP B 209 17.16 -22.22 -27.08
C ASP B 209 17.30 -20.70 -27.18
N GLY B 210 16.18 -19.99 -27.08
CA GLY B 210 16.16 -18.53 -27.21
C GLY B 210 16.34 -18.08 -28.67
N PRO B 211 16.63 -16.80 -28.91
CA PRO B 211 16.84 -15.79 -27.88
C PRO B 211 15.58 -15.33 -27.16
N TYR B 212 15.78 -14.59 -26.06
CA TYR B 212 14.69 -14.03 -25.26
C TYR B 212 14.83 -12.53 -25.15
N ASP B 213 14.04 -11.82 -25.97
CA ASP B 213 14.10 -10.36 -25.98
C ASP B 213 13.08 -9.78 -25.00
N ASN B 214 13.20 -8.49 -24.72
CA ASN B 214 12.29 -7.82 -23.82
C ASN B 214 12.35 -8.37 -22.39
N ILE B 215 13.55 -8.70 -21.93
CA ILE B 215 13.71 -9.18 -20.55
C ILE B 215 14.40 -8.10 -19.70
N ASP B 216 14.17 -8.15 -18.37
CA ASP B 216 14.90 -7.33 -17.42
C ASP B 216 15.77 -8.28 -16.62
N VAL B 217 16.94 -7.81 -16.21
CA VAL B 217 17.84 -8.59 -15.40
C VAL B 217 18.33 -7.80 -14.18
N PHE B 218 18.30 -8.47 -13.03
CA PHE B 218 18.80 -7.92 -11.78
C PHE B 218 20.09 -8.67 -11.49
N ILE B 219 21.19 -7.96 -11.55
CA ILE B 219 22.51 -8.55 -11.45
C ILE B 219 23.28 -8.22 -10.17
N VAL B 220 23.84 -9.28 -9.56
CA VAL B 220 24.74 -9.14 -8.40
C VAL B 220 25.96 -10.00 -8.79
N LEU B 221 27.12 -9.37 -8.89
CA LEU B 221 28.31 -10.06 -9.39
C LEU B 221 28.91 -10.94 -8.33
N GLU B 222 29.08 -12.21 -8.63
CA GLU B 222 29.72 -13.03 -7.61
C GLU B 222 30.88 -13.86 -8.02
N ASP B 223 31.61 -14.29 -7.00
CA ASP B 223 32.75 -15.13 -7.16
C ASP B 223 32.20 -16.47 -7.61
N ASN B 224 32.97 -17.14 -8.44
CA ASN B 224 32.55 -18.39 -8.96
C ASN B 224 33.77 -19.22 -9.28
N LYS B 225 33.54 -20.51 -9.47
CA LYS B 225 34.63 -21.43 -9.72
C LYS B 225 35.32 -21.27 -11.06
N TYR B 226 34.69 -20.59 -12.00
CA TYR B 226 35.26 -20.34 -13.33
C TYR B 226 36.07 -19.05 -13.42
N GLN B 227 36.14 -18.29 -12.32
N GLN B 227 35.99 -18.24 -12.35
CA GLN B 227 36.77 -16.96 -12.34
CA GLN B 227 36.70 -16.95 -12.21
C GLN B 227 36.15 -16.13 -13.48
C GLN B 227 36.20 -15.83 -13.14
N LEU B 228 34.85 -16.34 -13.70
N LEU B 228 35.02 -15.99 -13.73
CA LEU B 228 34.13 -15.56 -14.69
CA LEU B 228 34.47 -14.94 -14.61
C LEU B 228 33.93 -14.20 -14.07
C LEU B 228 34.25 -13.65 -13.83
N LYS B 229 34.20 -13.19 -14.90
N LYS B 229 34.64 -12.50 -14.40
CA LYS B 229 34.21 -11.79 -14.56
CA LYS B 229 34.51 -11.23 -13.69
C LYS B 229 32.87 -11.13 -14.30
C LYS B 229 33.07 -10.77 -13.70
N LYS B 230 31.85 -11.44 -15.09
N LYS B 230 32.30 -11.31 -14.65
CA LYS B 230 30.52 -10.85 -14.92
CA LYS B 230 30.87 -10.96 -14.84
C LYS B 230 29.57 -11.99 -14.85
C LYS B 230 29.97 -12.22 -14.84
N TYR B 231 29.49 -12.57 -13.65
CA TYR B 231 28.69 -13.75 -13.39
C TYR B 231 27.64 -13.42 -12.34
N SER B 232 26.39 -13.81 -12.59
CA SER B 232 25.30 -13.57 -11.63
C SER B 232 24.33 -14.77 -11.71
N VAL B 233 23.42 -14.87 -10.75
CA VAL B 233 22.54 -16.02 -10.64
C VAL B 233 21.09 -15.55 -10.52
N GLY B 234 20.22 -16.06 -11.40
CA GLY B 234 18.78 -15.77 -11.36
C GLY B 234 18.48 -14.33 -11.71
N GLY B 235 17.37 -13.81 -11.19
CA GLY B 235 17.01 -12.41 -11.42
C GLY B 235 16.52 -12.00 -12.82
N ILE B 236 15.97 -12.95 -13.58
CA ILE B 236 15.50 -12.68 -14.94
C ILE B 236 13.97 -12.59 -14.96
N THR B 237 13.43 -11.48 -15.49
CA THR B 237 11.99 -11.27 -15.55
C THR B 237 11.54 -10.69 -16.89
N LYS B 238 10.23 -10.73 -17.11
CA LYS B 238 9.63 -10.11 -18.25
C LYS B 238 9.61 -8.59 -17.99
N THR B 239 10.02 -7.79 -18.99
CA THR B 239 10.04 -6.33 -18.85
C THR B 239 8.64 -5.77 -18.71
N ASN B 240 8.50 -4.60 -18.11
CA ASN B 240 7.18 -4.00 -17.97
C ASN B 240 6.47 -3.70 -19.30
N SER B 241 5.18 -4.02 -19.38
CA SER B 241 4.37 -3.66 -20.55
C SER B 241 4.00 -2.18 -20.39
N LYS B 242 3.88 -1.73 -19.14
CA LYS B 242 3.53 -0.34 -18.83
C LYS B 242 4.15 0.11 -17.51
N LYS B 243 4.05 1.39 -17.22
CA LYS B 243 4.58 1.94 -15.96
C LYS B 243 3.83 1.33 -14.77
N VAL B 244 4.57 1.01 -13.71
CA VAL B 244 4.00 0.47 -12.48
C VAL B 244 4.51 1.30 -11.30
N ASN B 245 3.59 1.72 -10.42
CA ASN B 245 3.95 2.47 -9.18
C ASN B 245 3.03 1.97 -8.09
N HIS B 246 3.39 0.82 -7.55
CA HIS B 246 2.58 0.10 -6.59
C HIS B 246 3.13 0.21 -5.18
N LYS B 247 2.43 0.98 -4.36
CA LYS B 247 2.85 1.16 -2.98
C LYS B 247 2.53 -0.03 -2.14
N VAL B 248 3.47 -0.44 -1.30
CA VAL B 248 3.20 -1.50 -0.36
C VAL B 248 3.74 -1.06 1.01
N GLU B 249 2.99 -1.36 2.06
CA GLU B 249 3.42 -1.00 3.36
C GLU B 249 4.53 -1.94 3.83
N LEU B 250 5.60 -1.33 4.36
CA LEU B 250 6.73 -2.04 4.89
C LEU B 250 6.78 -1.83 6.40
N SER B 251 6.71 -2.92 7.17
CA SER B 251 6.76 -2.84 8.64
C SER B 251 8.03 -3.51 9.13
N ILE B 252 8.82 -2.83 9.94
CA ILE B 252 10.12 -3.34 10.46
C ILE B 252 10.05 -3.29 11.96
N THR B 253 10.07 -4.46 12.58
CA THR B 253 10.01 -4.61 14.03
C THR B 253 11.37 -5.13 14.53
N LYS B 254 11.94 -4.47 15.52
CA LYS B 254 13.25 -4.83 16.07
CA LYS B 254 13.21 -4.91 16.14
C LYS B 254 13.42 -4.21 17.44
N LYS B 255 14.47 -4.59 18.15
N LYS B 255 14.49 -4.58 18.14
CA LYS B 255 14.80 -3.92 19.42
CA LYS B 255 14.85 -3.93 19.39
C LYS B 255 15.96 -2.95 19.15
C LYS B 255 15.98 -2.94 19.13
N ASP B 256 15.93 -1.77 19.78
CA ASP B 256 16.99 -0.75 19.60
C ASP B 256 18.27 -1.09 20.39
N ASN B 257 19.26 -0.19 20.36
CA ASN B 257 20.53 -0.40 21.08
C ASN B 257 20.35 -0.53 22.62
N GLN B 258 19.16 -0.21 23.14
CA GLN B 258 18.85 -0.33 24.59
C GLN B 258 17.81 -1.45 24.90
N GLY B 259 17.53 -2.31 23.92
CA GLY B 259 16.62 -3.46 24.11
C GLY B 259 15.12 -3.22 23.98
N MET B 260 14.73 -1.99 23.65
CA MET B 260 13.30 -1.66 23.52
C MET B 260 12.76 -1.98 22.12
N ILE B 261 11.67 -2.77 22.06
CA ILE B 261 11.02 -3.13 20.80
C ILE B 261 10.37 -1.90 20.15
N SER B 262 10.58 -1.74 18.85
CA SER B 262 9.97 -0.65 18.08
C SER B 262 9.45 -1.22 16.79
N ARG B 263 8.46 -0.54 16.21
CA ARG B 263 7.89 -0.94 14.93
C ARG B 263 7.92 0.31 14.04
N ASP B 264 8.62 0.22 12.93
CA ASP B 264 8.79 1.30 11.99
C ASP B 264 7.96 0.97 10.77
N VAL B 265 7.04 1.86 10.40
CA VAL B 265 6.15 1.63 9.25
C VAL B 265 6.44 2.67 8.18
N SER B 266 6.70 2.19 6.95
CA SER B 266 7.06 3.03 5.83
C SER B 266 6.43 2.46 4.57
N GLU B 267 6.78 3.04 3.44
CA GLU B 267 6.24 2.57 2.18
C GLU B 267 7.39 2.07 1.32
N TYR B 268 7.15 1.00 0.59
CA TYR B 268 8.13 0.47 -0.36
C TYR B 268 7.45 0.50 -1.70
N MET B 269 8.06 1.15 -2.68
N MET B 269 8.11 1.11 -2.67
CA MET B 269 7.44 1.28 -4.01
CA MET B 269 7.56 1.22 -3.98
C MET B 269 7.90 0.18 -4.98
C MET B 269 7.95 0.02 -4.85
N ILE B 270 6.94 -0.59 -5.48
CA ILE B 270 7.17 -1.69 -6.44
C ILE B 270 6.97 -1.06 -7.82
N THR B 271 8.03 -1.11 -8.65
CA THR B 271 7.95 -0.52 -9.98
C THR B 271 8.03 -1.53 -11.12
N LYS B 272 7.97 -2.83 -10.79
CA LYS B 272 7.99 -3.87 -11.83
C LYS B 272 6.76 -4.76 -11.78
N GLU B 273 6.17 -5.02 -12.96
CA GLU B 273 5.02 -5.94 -13.07
C GLU B 273 5.43 -7.34 -12.63
N GLU B 274 6.63 -7.75 -13.03
CA GLU B 274 7.17 -9.07 -12.66
C GLU B 274 8.51 -8.83 -11.99
N ILE B 275 8.68 -9.34 -10.76
CA ILE B 275 9.88 -9.08 -10.00
C ILE B 275 10.43 -10.37 -9.40
N SER B 276 11.74 -10.51 -9.41
CA SER B 276 12.37 -11.71 -8.89
C SER B 276 12.49 -11.67 -7.39
N LEU B 277 12.45 -12.85 -6.76
CA LEU B 277 12.72 -12.89 -5.32
C LEU B 277 14.18 -12.41 -5.08
N LYS B 278 15.06 -12.65 -6.05
CA LYS B 278 16.44 -12.15 -5.92
C LYS B 278 16.47 -10.64 -5.63
N GLU B 279 15.71 -9.89 -6.41
CA GLU B 279 15.68 -8.42 -6.29
C GLU B 279 15.05 -7.95 -4.99
N LEU B 280 13.95 -8.57 -4.60
CA LEU B 280 13.29 -8.20 -3.34
C LEU B 280 14.21 -8.48 -2.15
N ASP B 281 14.73 -9.69 -2.10
CA ASP B 281 15.64 -10.08 -1.03
C ASP B 281 16.85 -9.17 -0.95
N PHE B 282 17.45 -8.87 -2.10
CA PHE B 282 18.70 -8.13 -2.06
C PHE B 282 18.48 -6.67 -1.67
N LYS B 283 17.52 -6.03 -2.31
N LYS B 283 17.52 -6.03 -2.32
CA LYS B 283 17.30 -4.61 -2.02
CA LYS B 283 17.24 -4.62 -2.05
C LYS B 283 16.77 -4.39 -0.60
C LYS B 283 16.76 -4.40 -0.63
N LEU B 284 15.91 -5.29 -0.15
CA LEU B 284 15.36 -5.18 1.20
C LEU B 284 16.45 -5.36 2.23
N ARG B 285 17.30 -6.37 2.09
CA ARG B 285 18.36 -6.50 3.09
C ARG B 285 19.33 -5.33 3.07
N LYS B 286 19.68 -4.82 1.88
CA LYS B 286 20.59 -3.69 1.81
C LYS B 286 19.95 -2.49 2.57
N GLN B 287 18.65 -2.29 2.39
N GLN B 287 18.64 -2.28 2.38
CA GLN B 287 17.97 -1.19 3.07
CA GLN B 287 17.90 -1.24 3.07
C GLN B 287 17.98 -1.43 4.60
C GLN B 287 17.95 -1.44 4.59
N LEU B 288 17.82 -2.69 5.03
CA LEU B 288 17.84 -3.02 6.45
C LEU B 288 19.25 -2.77 7.04
N ILE B 289 20.28 -3.07 6.25
CA ILE B 289 21.65 -2.77 6.67
C ILE B 289 21.82 -1.24 6.79
N GLU B 290 21.45 -0.53 5.72
CA GLU B 290 21.69 0.89 5.66
C GLU B 290 20.89 1.71 6.67
N LYS B 291 19.62 1.34 6.86
CA LYS B 291 18.74 2.12 7.72
C LYS B 291 18.52 1.55 9.12
N HIS B 292 18.80 0.27 9.32
CA HIS B 292 18.54 -0.38 10.61
C HIS B 292 19.69 -1.21 11.19
N ASN B 293 20.86 -1.10 10.57
CA ASN B 293 22.05 -1.77 11.04
C ASN B 293 21.95 -3.29 11.13
N LEU B 294 21.18 -3.89 10.22
CA LEU B 294 21.15 -5.34 10.10
C LEU B 294 22.59 -5.80 9.85
N TYR B 295 23.00 -6.84 10.53
CA TYR B 295 24.35 -7.42 10.44
C TYR B 295 25.43 -6.57 11.12
N GLY B 296 24.98 -5.67 12.01
CA GLY B 296 25.81 -4.87 12.87
C GLY B 296 25.79 -5.60 14.22
N ASN B 297 24.69 -5.42 14.96
CA ASN B 297 24.49 -6.05 16.27
CA ASN B 297 24.49 -6.07 16.26
C ASN B 297 23.56 -7.27 16.21
N MET B 298 22.64 -7.29 15.25
N MET B 298 22.64 -7.30 15.25
CA MET B 298 21.68 -8.37 15.07
CA MET B 298 21.64 -8.37 15.12
C MET B 298 21.79 -8.93 13.67
C MET B 298 21.60 -8.88 13.68
N GLY B 299 21.47 -10.20 13.52
CA GLY B 299 21.48 -10.82 12.18
C GLY B 299 20.51 -11.95 11.94
N SER B 300 19.43 -12.01 12.71
N SER B 300 19.44 -12.00 12.74
CA SER B 300 18.47 -13.08 12.55
CA SER B 300 18.46 -13.07 12.68
C SER B 300 17.13 -12.47 12.23
C SER B 300 17.07 -12.50 12.49
N GLY B 301 16.15 -13.35 12.03
CA GLY B 301 14.76 -12.93 11.75
C GLY B 301 14.35 -13.24 10.33
N THR B 302 13.30 -12.56 9.88
CA THR B 302 12.74 -12.79 8.56
C THR B 302 12.17 -11.56 7.88
N ILE B 303 12.20 -11.64 6.56
CA ILE B 303 11.44 -10.74 5.69
C ILE B 303 10.31 -11.64 5.14
N VAL B 304 9.06 -11.20 5.26
CA VAL B 304 7.94 -11.94 4.66
C VAL B 304 7.21 -11.04 3.66
N ILE B 305 7.21 -11.46 2.40
CA ILE B 305 6.46 -10.80 1.33
C ILE B 305 5.07 -11.43 1.34
N LYS B 306 4.05 -10.65 1.71
CA LYS B 306 2.69 -11.17 1.76
C LYS B 306 1.91 -10.73 0.52
N MET B 307 1.27 -11.69 -0.14
CA MET B 307 0.54 -11.43 -1.40
C MET B 307 -0.95 -11.23 -1.17
N LYS B 308 -1.58 -10.57 -2.11
CA LYS B 308 -3.03 -10.36 -2.05
C LYS B 308 -3.86 -11.62 -2.03
N ASN B 309 -3.36 -12.70 -2.63
CA ASN B 309 -4.07 -13.97 -2.66
C ASN B 309 -3.86 -14.82 -1.41
N GLY B 310 -3.15 -14.30 -0.42
CA GLY B 310 -2.87 -15.05 0.79
C GLY B 310 -1.50 -15.72 0.77
N GLY B 311 -0.85 -15.79 -0.38
CA GLY B 311 0.46 -16.44 -0.47
C GLY B 311 1.55 -15.61 0.22
N LYS B 312 2.68 -16.26 0.51
CA LYS B 312 3.79 -15.56 1.11
C LYS B 312 5.12 -16.10 0.62
N TYR B 313 6.15 -15.27 0.74
CA TYR B 313 7.52 -15.61 0.39
C TYR B 313 8.40 -15.16 1.56
N THR B 314 9.18 -16.08 2.12
CA THR B 314 9.96 -15.82 3.33
C THR B 314 11.47 -15.84 3.06
N PHE B 315 12.17 -14.81 3.54
CA PHE B 315 13.61 -14.71 3.43
C PHE B 315 14.15 -14.73 4.86
N GLU B 316 14.88 -15.79 5.18
CA GLU B 316 15.48 -15.93 6.50
C GLU B 316 16.79 -15.16 6.54
N LEU B 317 16.91 -14.26 7.50
CA LEU B 317 18.07 -13.35 7.55
C LEU B 317 19.38 -13.90 8.00
N HIS B 318 19.38 -15.06 8.65
CA HIS B 318 20.64 -15.59 9.21
C HIS B 318 21.47 -16.32 8.17
N LYS B 319 20.95 -16.44 6.94
CA LYS B 319 21.69 -17.05 5.83
C LYS B 319 21.30 -16.41 4.52
N LYS B 320 22.15 -16.54 3.50
N LYS B 320 22.14 -16.60 3.52
CA LYS B 320 21.84 -15.92 2.23
CA LYS B 320 21.93 -16.07 2.20
C LYS B 320 20.63 -16.62 1.63
C LYS B 320 20.67 -16.68 1.58
N LEU B 321 19.97 -15.94 0.71
CA LEU B 321 18.84 -16.52 -0.01
C LEU B 321 19.37 -17.72 -0.81
N GLN B 322 18.64 -18.83 -0.77
CA GLN B 322 19.03 -20.02 -1.50
C GLN B 322 19.14 -19.72 -3.00
N GLU B 323 20.22 -20.21 -3.61
N GLU B 323 20.22 -20.16 -3.65
CA GLU B 323 20.50 -19.98 -5.01
CA GLU B 323 20.38 -19.81 -5.07
C GLU B 323 19.31 -20.26 -5.94
C GLU B 323 19.21 -20.20 -5.95
N HIS B 324 18.66 -21.39 -5.74
CA HIS B 324 17.57 -21.80 -6.60
C HIS B 324 16.39 -20.83 -6.53
N ARG B 325 16.20 -20.18 -5.38
CA ARG B 325 15.09 -19.24 -5.22
C ARG B 325 15.35 -17.90 -5.90
N MET B 326 16.60 -17.62 -6.22
CA MET B 326 16.96 -16.39 -6.92
C MET B 326 16.32 -16.34 -8.31
N ALA B 327 15.99 -17.50 -8.89
CA ALA B 327 15.29 -17.52 -10.18
C ALA B 327 13.78 -17.30 -10.09
N ASP B 328 13.20 -17.45 -8.90
CA ASP B 328 11.73 -17.35 -8.76
C ASP B 328 11.25 -15.93 -8.99
N VAL B 329 10.12 -15.80 -9.68
CA VAL B 329 9.56 -14.49 -10.00
C VAL B 329 8.10 -14.44 -9.55
N ILE B 330 7.64 -13.27 -9.17
CA ILE B 330 6.27 -13.08 -8.71
C ILE B 330 5.66 -11.86 -9.35
N ASP B 331 4.34 -11.76 -9.21
CA ASP B 331 3.60 -10.62 -9.72
C ASP B 331 3.74 -9.45 -8.74
N GLY B 332 4.54 -8.46 -9.11
CA GLY B 332 4.80 -7.34 -8.22
C GLY B 332 3.53 -6.57 -7.85
N THR B 333 2.58 -6.51 -8.78
CA THR B 333 1.30 -5.80 -8.54
C THR B 333 0.41 -6.54 -7.52
N ASN B 334 0.72 -7.80 -7.22
N ASN B 334 0.73 -7.80 -7.23
CA ASN B 334 -0.07 -8.56 -6.26
CA ASN B 334 -0.05 -8.60 -6.27
C ASN B 334 0.57 -8.65 -4.87
C ASN B 334 0.55 -8.61 -4.87
N ILE B 335 1.69 -7.95 -4.68
CA ILE B 335 2.29 -7.86 -3.35
C ILE B 335 1.33 -7.01 -2.48
N ASP B 336 0.95 -7.52 -1.30
CA ASP B 336 0.09 -6.78 -0.41
C ASP B 336 0.91 -5.93 0.56
N ASN B 337 1.80 -6.57 1.33
CA ASN B 337 2.65 -5.85 2.31
C ASN B 337 3.91 -6.65 2.64
N ILE B 338 4.82 -6.02 3.33
CA ILE B 338 6.11 -6.66 3.64
C ILE B 338 6.29 -6.51 5.14
N GLU B 339 6.46 -7.65 5.81
CA GLU B 339 6.65 -7.70 7.28
CA GLU B 339 6.64 -7.71 7.28
C GLU B 339 8.05 -8.18 7.61
N VAL B 340 8.80 -7.34 8.30
CA VAL B 340 10.18 -7.67 8.68
C VAL B 340 10.32 -7.73 10.18
N ASN B 341 10.96 -8.79 10.66
CA ASN B 341 11.26 -8.94 12.08
C ASN B 341 12.74 -9.25 12.21
N ILE B 342 13.47 -8.37 12.89
CA ILE B 342 14.93 -8.54 13.13
C ILE B 342 15.14 -8.82 14.62
N LYS B 343 15.85 -9.89 14.92
CA LYS B 343 16.21 -10.14 16.30
C LYS B 343 17.66 -10.59 16.44
C1 NDG C . -1.91 2.31 7.94
C2 NDG C . -2.47 1.55 6.74
C3 NDG C . -1.91 2.03 5.41
C4 NDG C . -2.16 3.53 5.31
C5 NDG C . -1.63 4.25 6.54
C6 NDG C . -1.99 5.72 6.57
C7 NDG C . -3.26 -0.70 7.25
C8 NDG C . -2.85 -2.10 7.61
O5 NDG C . -2.17 3.69 7.74
O3 NDG C . -2.57 1.35 4.34
O4 NDG C . -1.49 4.01 4.15
O6 NDG C . -3.41 5.83 6.69
O7 NDG C . -4.44 -0.32 7.27
N2 NDG C . -2.27 0.13 6.97
O1 NDG C . -0.48 2.16 8.11
C1 GAL C . -2.20 4.89 3.30
C2 GAL C . -1.18 5.81 2.66
C3 GAL C . -1.91 6.77 1.74
C4 GAL C . -2.68 5.96 0.68
C5 GAL C . -3.62 4.95 1.37
C6 GAL C . -4.31 4.08 0.34
O2 GAL C . -0.40 6.50 3.65
O3 GAL C . -0.95 7.65 1.15
O4 GAL C . -1.74 5.33 -0.19
O5 GAL C . -2.91 4.15 2.32
O6 GAL C . -5.27 3.21 0.94
C1 SIA C . -2.50 9.19 0.22
C2 SIA C . -1.31 9.04 1.17
C3 SIA C . -0.08 9.82 0.77
C4 SIA C . -0.23 11.32 0.95
C5 SIA C . -0.75 11.67 2.34
C6 SIA C . -1.97 10.80 2.68
C7 SIA C . -2.54 10.95 4.08
C8 SIA C . -3.61 9.91 4.39
C9 SIA C . -4.40 10.21 5.65
C10 SIA C . -0.62 13.93 3.28
C11 SIA C . -1.12 15.34 3.16
N5 SIA C . -1.12 13.07 2.38
O1A SIA C . -3.67 9.14 0.71
O1B SIA C . -2.28 9.32 -0.97
O4 SIA C . 1.01 11.98 0.74
O6 SIA C . -1.64 9.41 2.52
O7 SIA C . -1.48 10.82 5.04
O8 SIA C . -4.52 9.79 3.27
O9 SIA C . -5.37 9.18 5.86
O10 SIA C . 0.19 13.59 4.14
C1 FUC C . -1.88 0.21 3.79
C2 FUC C . -2.83 -0.49 2.82
C3 FUC C . -3.02 0.30 1.53
C4 FUC C . -1.67 0.71 0.93
C5 FUC C . -0.81 1.41 1.98
C6 FUC C . 0.57 1.72 1.42
O2 FUC C . -4.11 -0.68 3.46
O3 FUC C . -3.77 -0.52 0.59
O4 FUC C . -0.98 -0.45 0.43
O5 FUC C . -0.65 0.58 3.14
C1 NDG D . 15.49 -26.73 0.12
C2 NDG D . 15.80 -26.13 1.48
C3 NDG D . 14.49 -25.68 2.14
C4 NDG D . 13.69 -24.79 1.19
C5 NDG D . 13.47 -25.56 -0.10
C6 NDG D . 12.58 -24.82 -1.09
C7 NDG D . 17.76 -27.01 2.70
C8 NDG D . 18.23 -28.05 3.67
O5 NDG D . 14.74 -25.82 -0.67
O3 NDG D . 14.80 -24.96 3.32
O4 NDG D . 12.42 -24.52 1.80
O6 NDG D . 13.21 -23.60 -1.49
O7 NDG D . 18.53 -26.16 2.27
N2 NDG D . 16.47 -27.09 2.36
O1 NDG D . 14.73 -27.93 0.31
C1 GAL D . 11.99 -23.15 1.75
C1 GAL D . 11.99 -23.15 1.74
C2 GAL D . 10.48 -23.16 1.93
C2 GAL D . 10.48 -23.17 1.94
C3 GAL D . 9.90 -21.77 2.01
C4 GAL D . 10.64 -20.99 3.09
C4 GAL D . 10.64 -20.99 3.09
C5 GAL D . 12.14 -21.05 2.88
C5 GAL D . 12.13 -20.99 2.77
C6 GAL D . 12.88 -20.35 4.03
C6 GAL D . 12.90 -20.20 3.83
O2 GAL D . 9.85 -23.90 0.86
O2 GAL D . 9.84 -23.90 0.88
O3 GAL D . 8.49 -21.88 2.28
O4 GAL D . 10.31 -21.54 4.38
O4 GAL D . 10.40 -21.58 4.38
O5 GAL D . 12.59 -22.40 2.79
O5 GAL D . 12.61 -22.34 2.74
O6 GAL D . 14.29 -20.33 3.81
O6 GAL D . 14.32 -20.34 3.66
C1 SIA D . 7.97 -19.50 2.07
C2 SIA D . 7.66 -20.92 1.59
C3 SIA D . 6.20 -21.36 1.87
C4 SIA D . 5.19 -20.60 1.01
C5 SIA D . 5.56 -20.61 -0.48
C6 SIA D . 7.02 -20.21 -0.64
C7 SIA D . 7.57 -20.27 -2.06
C8 SIA D . 9.08 -19.99 -2.10
C9 SIA D . 9.58 -19.72 -3.51
C10 SIA D . 3.91 -20.02 -2.20
C11 SIA D . 3.09 -18.93 -2.80
N5 SIA D . 4.70 -19.69 -1.19
O1A SIA D . 7.46 -19.09 3.11
O1B SIA D . 8.81 -18.81 1.42
O4 SIA D . 3.88 -21.17 1.20
O6 SIA D . 7.85 -21.02 0.18
O7 SIA D . 7.33 -21.58 -2.59
O8 SIA D . 9.44 -18.85 -1.28
O9 SIA D . 11.02 -19.64 -3.50
O10 SIA D . 3.84 -21.18 -2.62
C1 FUC D . 14.70 -25.76 4.50
C1 FUC D . 14.70 -25.77 4.51
C2 FUC D . 15.49 -25.06 5.60
C3 FUC D . 14.88 -23.69 5.89
C4 FUC D . 13.43 -23.91 6.33
C5 FUC D . 12.68 -24.73 5.26
C6 FUC D . 11.25 -25.04 5.68
O2 FUC D . 16.86 -24.91 5.21
O3 FUC D . 15.64 -23.00 6.90
O4 FUC D . 13.36 -24.61 7.56
O5 FUC D . 13.35 -25.96 4.94
C1 PGE E . -18.27 -11.71 19.62
O1 PGE E . -17.55 -10.68 20.28
C2 PGE E . -19.25 -11.14 18.59
O2 PGE E . -20.37 -10.55 19.27
C3 PGE E . -21.60 -10.52 18.52
C4 PGE E . -22.82 -10.59 19.45
O4 PGE E . -24.04 -14.33 21.28
C6 PGE E . -23.67 -13.56 20.14
C5 PGE E . -22.38 -12.79 20.41
O3 PGE E . -22.63 -11.39 20.62
O1 PG4 F . -26.97 9.21 29.06
C1 PG4 F . -27.63 10.28 28.35
C2 PG4 F . -29.12 10.00 28.33
O2 PG4 F . -29.86 11.20 28.57
C3 PG4 F . -31.19 10.93 29.02
C4 PG4 F . -32.16 12.02 28.61
O3 PG4 F . -32.77 11.67 27.36
C5 PG4 F . -32.65 12.65 26.32
C6 PG4 F . -32.60 11.97 24.95
O4 PG4 F . -33.60 10.96 24.82
C7 PG4 F . -33.17 9.82 24.07
C8 PG4 F . -32.35 8.90 24.96
O5 PG4 F . -32.52 7.54 24.57
C1 NAG G . 15.43 -26.69 0.01
C2 NAG G . 15.70 -26.22 1.44
C3 NAG G . 14.45 -25.72 2.13
C4 NAG G . 13.65 -24.80 1.22
C5 NAG G . 13.40 -25.53 -0.10
C6 NAG G . 12.48 -24.74 -1.03
C7 NAG G . 17.62 -27.43 2.31
C8 NAG G . 18.10 -28.61 3.10
N2 NAG G . 16.30 -27.32 2.17
O1 NAG G . 16.70 -26.86 -0.62
O3 NAG G . 14.80 -25.00 3.29
O4 NAG G . 12.42 -24.50 1.85
O5 NAG G . 14.65 -25.76 -0.72
O6 NAG G . 13.19 -23.62 -1.58
O7 NAG G . 18.39 -26.62 1.83
O1 PG4 H . 30.01 -13.83 -28.16
C1 PG4 H . 29.56 -12.54 -27.76
C2 PG4 H . 29.08 -11.75 -28.99
O2 PG4 H . 29.97 -10.65 -29.25
C3 PG4 H . 29.38 -9.68 -30.10
C4 PG4 H . 30.33 -8.53 -30.45
O3 PG4 H . 30.65 -7.75 -29.29
C5 PG4 H . 29.65 -6.81 -28.90
C6 PG4 H . 30.16 -6.05 -27.68
O4 PG4 H . 30.55 -6.98 -26.67
C7 PG4 H . 31.17 -6.37 -25.53
C8 PG4 H . 32.58 -6.94 -25.37
O5 PG4 H . 32.52 -8.25 -24.81
#